data_9IQR
#
_entry.id   9IQR
#
loop_
_entity.id
_entity.type
_entity.pdbx_description
1 polymer 'Muscarinic toxin 3'
2 polymer 'Alpha-2A adrenergic receptor,Soluble cytochrome b562'
#
loop_
_entity_poly.entity_id
_entity_poly.type
_entity_poly.pdbx_seq_one_letter_code
_entity_poly.pdbx_strand_id
1 'polypeptide(L)' LTCVTKNTIFGITTENCPAGQNLCFKRWHYVIPRYTEITRGCAATCPIPENYDSIHCCKTDKCNE A
2 'polypeptide(L)'
;ARATPYSLQVTLTLVCLAGLLMLLTVFGNVLVIIAVFTSRALKAPQNLFLVSLASADILVATLVIPFSLANEVMGYWYFG
KAWCEIYLALDVLFCTSSIVHLCAISLDRYWSITQAIEYNLKRTPRRIKAIIITVWVISAVISFPPLISIEKKGGGGGPQ
PAEPRCEINDQKWYVISSCIGSFFAPCLIMILVYVRIYQIAKRRAADLEDNWETLNDNLKVIEKADNAAQVKDALTKMRA
AALDAQKASGSGSPEMKDFRHGFDILVGQIDDALKLANEGKVKEAQAAAEQLKTTRNAYIQKYLAGRQNREKRFTFVLAV
VIGVFVVCWFPFFFTYTLTAVGCSVPRTLFKFFFWFGYCNSSLNPVIYTIFNHDFRRAFKKILKIAALKEKIAALKEKIA
ALKEAEEKRASRLEEELRRRLTEGSHHHHHHHH
;
B
#
# COMPACT_ATOMS: atom_id res chain seq x y z
N LEU A 1 -11.62 -23.27 29.34
CA LEU A 1 -12.86 -24.01 29.16
C LEU A 1 -13.50 -23.69 27.81
N THR A 2 -14.77 -23.34 27.84
CA THR A 2 -15.53 -23.06 26.62
C THR A 2 -15.38 -21.58 26.26
N CYS A 3 -14.20 -21.23 25.77
CA CYS A 3 -13.88 -19.85 25.41
C CYS A 3 -13.66 -19.75 23.91
N VAL A 4 -13.40 -18.52 23.45
CA VAL A 4 -13.32 -18.25 22.02
C VAL A 4 -12.03 -18.83 21.46
N THR A 5 -12.14 -19.59 20.38
CA THR A 5 -10.99 -20.16 19.69
C THR A 5 -10.66 -19.44 18.40
N LYS A 6 -11.63 -19.31 17.50
CA LYS A 6 -11.45 -18.59 16.24
C LYS A 6 -12.33 -17.34 16.26
N ASN A 7 -11.70 -16.17 16.13
CA ASN A 7 -12.40 -14.89 16.13
C ASN A 7 -11.95 -14.10 14.90
N THR A 8 -12.84 -13.96 13.93
CA THR A 8 -12.57 -13.24 12.70
C THR A 8 -13.89 -13.02 11.98
N ILE A 9 -13.82 -12.53 10.75
CA ILE A 9 -15.02 -12.37 9.93
C ILE A 9 -15.62 -13.75 9.64
N PHE A 10 -16.92 -13.76 9.32
CA PHE A 10 -17.65 -14.98 8.99
C PHE A 10 -17.82 -15.88 10.20
N GLY A 11 -18.15 -15.29 11.35
CA GLY A 11 -18.49 -16.03 12.53
C GLY A 11 -17.38 -16.03 13.57
N ILE A 12 -17.79 -16.17 14.83
CA ILE A 12 -16.88 -16.27 15.97
C ILE A 12 -17.16 -17.61 16.65
N THR A 13 -16.13 -18.45 16.73
CA THR A 13 -16.30 -19.80 17.27
C THR A 13 -15.85 -19.84 18.72
N THR A 14 -16.74 -20.32 19.59
CA THR A 14 -16.43 -20.56 20.99
C THR A 14 -16.50 -22.06 21.24
N GLU A 15 -15.41 -22.64 21.73
CA GLU A 15 -15.31 -24.08 21.92
C GLU A 15 -14.70 -24.37 23.28
N ASN A 16 -14.83 -25.62 23.70
CA ASN A 16 -14.22 -26.13 24.92
C ASN A 16 -12.88 -26.77 24.58
N CYS A 17 -12.28 -27.42 25.57
CA CYS A 17 -10.99 -28.08 25.40
C CYS A 17 -10.83 -29.12 26.49
N PRO A 18 -10.02 -30.15 26.25
CA PRO A 18 -9.96 -31.28 27.18
C PRO A 18 -9.40 -30.87 28.54
N ALA A 19 -9.65 -31.74 29.52
CA ALA A 19 -9.19 -31.49 30.89
C ALA A 19 -7.67 -31.47 30.96
N GLY A 20 -7.15 -30.71 31.92
CA GLY A 20 -5.73 -30.48 32.05
C GLY A 20 -5.24 -29.25 31.32
N GLN A 21 -6.06 -28.67 30.44
CA GLN A 21 -5.77 -27.42 29.74
C GLN A 21 -6.95 -26.48 29.86
N ASN A 22 -7.47 -26.34 31.09
CA ASN A 22 -8.75 -25.66 31.29
C ASN A 22 -8.65 -24.16 31.06
N LEU A 23 -7.54 -23.53 31.46
CA LEU A 23 -7.50 -22.08 31.40
C LEU A 23 -7.35 -21.60 29.96
N CYS A 24 -7.71 -20.34 29.72
CA CYS A 24 -7.72 -19.77 28.38
C CYS A 24 -6.66 -18.68 28.26
N PHE A 25 -5.82 -18.79 27.24
CA PHE A 25 -4.77 -17.82 26.99
C PHE A 25 -5.01 -17.11 25.66
N LYS A 26 -4.71 -15.82 25.63
CA LYS A 26 -4.89 -14.98 24.45
C LYS A 26 -3.58 -14.24 24.21
N ARG A 27 -2.81 -14.70 23.23
CA ARG A 27 -1.46 -14.22 22.98
C ARG A 27 -1.43 -13.29 21.77
N TRP A 28 -0.86 -12.11 21.96
CA TRP A 28 -0.77 -11.11 20.89
C TRP A 28 0.68 -11.02 20.43
N HIS A 29 0.93 -11.44 19.19
CA HIS A 29 2.24 -11.29 18.57
C HIS A 29 2.14 -10.29 17.43
N TYR A 30 2.99 -9.26 17.48
CA TYR A 30 2.86 -8.10 16.60
C TYR A 30 3.87 -8.24 15.47
N VAL A 31 3.37 -8.26 14.22
CA VAL A 31 4.25 -8.50 13.09
C VAL A 31 4.74 -7.16 12.53
N ILE A 32 3.81 -6.32 12.08
CA ILE A 32 4.15 -5.00 11.59
C ILE A 32 3.28 -4.00 12.34
N PRO A 33 3.43 -2.69 12.13
CA PRO A 33 2.52 -1.74 12.78
C PRO A 33 1.04 -2.03 12.50
N ARG A 34 0.70 -2.49 11.31
CA ARG A 34 -0.69 -2.71 10.93
C ARG A 34 -1.07 -4.19 10.89
N TYR A 35 -0.45 -5.00 11.75
CA TYR A 35 -0.86 -6.40 11.88
C TYR A 35 -0.40 -6.90 13.25
N THR A 36 -1.38 -7.20 14.11
CA THR A 36 -1.14 -7.71 15.46
C THR A 36 -1.88 -9.04 15.58
N GLU A 37 -1.22 -10.13 15.23
CA GLU A 37 -1.85 -11.43 15.24
C GLU A 37 -2.26 -11.82 16.66
N ILE A 38 -3.46 -12.38 16.79
CA ILE A 38 -3.98 -12.89 18.06
C ILE A 38 -4.15 -14.39 17.93
N THR A 39 -3.68 -15.12 18.95
CA THR A 39 -3.89 -16.56 19.04
C THR A 39 -4.60 -16.85 20.35
N ARG A 40 -5.81 -17.39 20.26
CA ARG A 40 -6.62 -17.71 21.43
C ARG A 40 -6.72 -19.22 21.58
N GLY A 41 -6.45 -19.72 22.77
CA GLY A 41 -6.46 -21.15 22.97
C GLY A 41 -6.53 -21.53 24.43
N CYS A 42 -6.30 -22.80 24.69
CA CYS A 42 -6.34 -23.37 26.04
C CYS A 42 -4.95 -23.75 26.51
N ALA A 43 -4.78 -23.76 27.83
CA ALA A 43 -3.53 -24.11 28.46
C ALA A 43 -3.80 -24.58 29.88
N ALA A 44 -2.82 -25.30 30.44
CA ALA A 44 -2.95 -25.80 31.81
C ALA A 44 -3.10 -24.65 32.80
N THR A 45 -2.09 -23.79 32.88
CA THR A 45 -2.21 -22.53 33.61
C THR A 45 -2.16 -21.34 32.67
N CYS A 46 -1.04 -21.17 31.95
CA CYS A 46 -0.91 -20.22 30.86
C CYS A 46 0.49 -20.41 30.27
N PRO A 47 0.69 -20.22 28.97
CA PRO A 47 2.02 -20.42 28.38
C PRO A 47 2.90 -19.19 28.59
N ILE A 48 4.09 -19.25 28.00
CA ILE A 48 5.14 -18.26 28.24
C ILE A 48 5.19 -17.23 27.10
N PRO A 49 5.50 -15.97 27.41
CA PRO A 49 5.61 -14.91 26.38
C PRO A 49 7.01 -14.76 25.76
N GLU A 50 7.32 -15.64 24.80
CA GLU A 50 8.59 -15.55 24.10
C GLU A 50 8.60 -14.35 23.15
N ASN A 51 9.79 -13.78 22.96
CA ASN A 51 10.02 -12.59 22.14
C ASN A 51 9.30 -11.35 22.69
N TYR A 52 8.97 -11.35 23.98
CA TYR A 52 8.37 -10.21 24.65
C TYR A 52 7.08 -9.77 23.96
N ASP A 53 6.09 -10.67 23.99
CA ASP A 53 4.79 -10.41 23.38
C ASP A 53 3.71 -10.51 24.45
N SER A 54 2.72 -9.64 24.38
CA SER A 54 1.66 -9.59 25.38
C SER A 54 0.78 -10.84 25.29
N ILE A 55 0.55 -11.46 26.44
CA ILE A 55 -0.29 -12.65 26.51
C ILE A 55 -1.17 -12.60 27.75
N HIS A 56 -2.47 -12.38 27.55
CA HIS A 56 -3.38 -12.35 28.69
C HIS A 56 -3.80 -13.77 29.08
N CYS A 57 -3.85 -14.00 30.38
CA CYS A 57 -4.07 -15.32 30.95
C CYS A 57 -5.39 -15.27 31.71
N CYS A 58 -6.26 -16.26 31.50
CA CYS A 58 -7.60 -16.23 32.06
C CYS A 58 -7.92 -17.58 32.67
N LYS A 59 -8.55 -17.56 33.84
CA LYS A 59 -8.96 -18.79 34.52
C LYS A 59 -10.44 -19.07 34.41
N THR A 60 -11.26 -18.02 34.29
CA THR A 60 -12.70 -18.19 34.19
C THR A 60 -13.08 -18.67 32.80
N ASP A 61 -14.37 -18.88 32.59
CA ASP A 61 -14.89 -19.30 31.30
C ASP A 61 -15.26 -18.08 30.47
N LYS A 62 -14.88 -18.10 29.19
CA LYS A 62 -15.16 -17.01 28.25
C LYS A 62 -14.56 -15.70 28.73
N CYS A 63 -13.23 -15.66 28.78
CA CYS A 63 -12.52 -14.43 29.14
C CYS A 63 -11.70 -13.86 28.00
N ASN A 64 -11.22 -14.71 27.08
CA ASN A 64 -10.41 -14.22 25.97
C ASN A 64 -11.24 -13.34 25.03
N GLU A 65 -12.49 -13.70 24.79
CA GLU A 65 -13.36 -13.03 23.84
C GLU A 65 -12.74 -12.97 22.45
N GLN B 9 24.65 -7.56 14.17
CA GLN B 9 25.09 -7.37 12.79
C GLN B 9 23.89 -7.38 11.83
N VAL B 10 22.85 -8.13 12.22
CA VAL B 10 21.63 -8.15 11.42
C VAL B 10 20.96 -6.78 11.41
N THR B 11 20.95 -6.11 12.56
CA THR B 11 20.33 -4.78 12.64
C THR B 11 21.03 -3.80 11.72
N LEU B 12 22.36 -3.81 11.71
CA LEU B 12 23.09 -2.91 10.83
C LEU B 12 22.84 -3.24 9.37
N THR B 13 22.76 -4.52 9.03
CA THR B 13 22.49 -4.93 7.66
C THR B 13 21.12 -4.42 7.20
N LEU B 14 20.10 -4.61 8.03
CA LEU B 14 18.75 -4.16 7.68
C LEU B 14 18.70 -2.65 7.57
N VAL B 15 19.35 -1.94 8.51
CA VAL B 15 19.34 -0.48 8.46
C VAL B 15 20.02 0.01 7.20
N CYS B 16 21.16 -0.58 6.83
CA CYS B 16 21.85 -0.17 5.61
C CYS B 16 21.02 -0.46 4.37
N LEU B 17 20.37 -1.63 4.32
CA LEU B 17 19.55 -1.96 3.16
C LEU B 17 18.39 -0.98 3.02
N ALA B 18 17.71 -0.67 4.12
CA ALA B 18 16.60 0.28 4.07
C ALA B 18 17.08 1.68 3.73
N GLY B 19 18.26 2.07 4.23
CA GLY B 19 18.80 3.37 3.89
C GLY B 19 19.13 3.49 2.41
N LEU B 20 19.73 2.46 1.84
CA LEU B 20 19.99 2.46 0.40
C LEU B 20 18.68 2.49 -0.39
N LEU B 21 17.66 1.77 0.09
CA LEU B 21 16.35 1.82 -0.58
C LEU B 21 15.78 3.24 -0.55
N MET B 22 15.85 3.90 0.61
CA MET B 22 15.38 5.28 0.72
C MET B 22 16.15 6.20 -0.21
N LEU B 23 17.48 6.06 -0.24
CA LEU B 23 18.29 6.93 -1.08
C LEU B 23 17.97 6.72 -2.55
N LEU B 24 17.81 5.47 -2.98
CA LEU B 24 17.49 5.20 -4.38
C LEU B 24 16.11 5.76 -4.73
N THR B 25 15.14 5.57 -3.84
CA THR B 25 13.80 6.11 -4.07
C THR B 25 13.84 7.62 -4.24
N VAL B 26 14.48 8.31 -3.30
CA VAL B 26 14.51 9.77 -3.34
C VAL B 26 15.26 10.24 -4.58
N PHE B 27 16.40 9.62 -4.90
CA PHE B 27 17.17 10.04 -6.06
C PHE B 27 16.37 9.86 -7.35
N GLY B 28 15.76 8.69 -7.53
CA GLY B 28 15.00 8.45 -8.73
C GLY B 28 13.81 9.38 -8.88
N ASN B 29 13.11 9.64 -7.77
CA ASN B 29 11.92 10.49 -7.86
C ASN B 29 12.29 11.95 -8.07
N VAL B 30 13.38 12.41 -7.45
CA VAL B 30 13.85 13.77 -7.71
C VAL B 30 14.25 13.91 -9.18
N LEU B 31 14.95 12.90 -9.72
CA LEU B 31 15.34 12.96 -11.12
C LEU B 31 14.11 12.99 -12.03
N VAL B 32 13.10 12.18 -11.71
CA VAL B 32 11.89 12.15 -12.52
C VAL B 32 11.18 13.50 -12.48
N ILE B 33 11.08 14.09 -11.29
CA ILE B 33 10.40 15.39 -11.17
C ILE B 33 11.16 16.45 -11.96
N ILE B 34 12.49 16.48 -11.83
CA ILE B 34 13.29 17.45 -12.57
C ILE B 34 13.11 17.26 -14.07
N ALA B 35 13.16 16.01 -14.53
CA ALA B 35 13.04 15.74 -15.96
C ALA B 35 11.67 16.18 -16.48
N VAL B 36 10.61 15.90 -15.72
CA VAL B 36 9.28 16.32 -16.14
C VAL B 36 9.20 17.84 -16.19
N PHE B 37 9.84 18.52 -15.25
CA PHE B 37 9.79 19.97 -15.20
C PHE B 37 10.88 20.65 -16.02
N THR B 38 11.68 19.89 -16.76
CA THR B 38 12.68 20.46 -17.66
C THR B 38 12.47 19.91 -19.07
N SER B 39 13.41 20.25 -19.96
CA SER B 39 13.39 19.78 -21.35
C SER B 39 12.14 20.27 -22.09
N ARG B 40 11.91 19.73 -23.28
CA ARG B 40 10.77 20.10 -24.09
C ARG B 40 9.84 18.94 -24.38
N ALA B 41 10.38 17.74 -24.57
CA ALA B 41 9.55 16.58 -24.82
C ALA B 41 8.79 16.14 -23.58
N LEU B 42 9.13 16.69 -22.40
CA LEU B 42 8.48 16.35 -21.14
C LEU B 42 7.74 17.52 -20.52
N LYS B 43 8.32 18.72 -20.53
CA LYS B 43 7.67 19.86 -19.91
C LYS B 43 6.49 20.35 -20.74
N ALA B 44 6.65 20.43 -22.05
CA ALA B 44 5.55 20.90 -22.92
C ALA B 44 4.31 20.03 -22.81
N PRO B 45 4.37 18.69 -22.89
CA PRO B 45 3.15 17.90 -22.71
C PRO B 45 2.62 18.01 -21.30
N GLN B 46 1.30 17.94 -21.18
CA GLN B 46 0.63 18.14 -19.91
C GLN B 46 0.40 16.85 -19.13
N ASN B 47 0.35 15.71 -19.83
CA ASN B 47 0.09 14.45 -19.16
C ASN B 47 1.23 14.06 -18.22
N LEU B 48 2.41 14.65 -18.41
CA LEU B 48 3.55 14.30 -17.57
C LEU B 48 3.40 14.85 -16.16
N PHE B 49 2.43 15.72 -15.93
CA PHE B 49 2.21 16.22 -14.58
C PHE B 49 1.74 15.11 -13.64
N LEU B 50 0.92 14.19 -14.16
CA LEU B 50 0.50 13.04 -13.36
C LEU B 50 1.70 12.18 -12.99
N VAL B 51 2.62 11.99 -13.93
CA VAL B 51 3.85 11.24 -13.66
C VAL B 51 4.68 11.96 -12.60
N SER B 52 4.81 13.28 -12.73
CA SER B 52 5.57 14.05 -11.75
C SER B 52 4.96 13.93 -10.36
N LEU B 53 3.63 13.91 -10.28
CA LEU B 53 3.00 13.82 -8.98
C LEU B 53 3.16 12.42 -8.39
N ALA B 54 3.04 11.38 -9.23
CA ALA B 54 3.30 10.04 -8.73
C ALA B 54 4.71 9.92 -8.17
N SER B 55 5.66 10.55 -8.88
CA SER B 55 7.02 10.62 -8.37
C SER B 55 7.09 11.33 -7.04
N ALA B 56 6.35 12.44 -6.90
CA ALA B 56 6.36 13.19 -5.64
C ALA B 56 5.77 12.36 -4.50
N ASP B 57 4.68 11.64 -4.77
CA ASP B 57 4.05 10.81 -3.75
C ASP B 57 4.98 9.70 -3.30
N ILE B 58 5.68 9.08 -4.25
CA ILE B 58 6.67 8.07 -3.89
C ILE B 58 7.80 8.71 -3.09
N LEU B 59 8.20 9.93 -3.47
CA LEU B 59 9.29 10.63 -2.80
C LEU B 59 8.96 10.93 -1.34
N VAL B 60 7.75 11.40 -1.07
CA VAL B 60 7.34 11.73 0.30
C VAL B 60 7.03 10.46 1.09
N ALA B 61 6.88 9.32 0.44
CA ALA B 61 6.70 8.05 1.11
C ALA B 61 7.97 7.54 1.78
N THR B 62 9.02 8.37 1.84
CA THR B 62 10.23 8.03 2.58
C THR B 62 10.29 8.66 3.96
N LEU B 63 9.18 9.21 4.46
CA LEU B 63 9.01 9.46 5.87
C LEU B 63 8.19 8.38 6.56
N VAL B 64 7.80 7.35 5.81
CA VAL B 64 7.12 6.17 6.35
C VAL B 64 8.08 5.00 6.47
N ILE B 65 8.91 4.79 5.46
CA ILE B 65 9.88 3.69 5.50
C ILE B 65 10.79 3.76 6.70
N PRO B 66 11.42 4.90 7.04
CA PRO B 66 12.32 4.91 8.20
C PRO B 66 11.63 4.56 9.50
N PHE B 67 10.36 4.91 9.67
CA PHE B 67 9.68 4.62 10.93
C PHE B 67 9.34 3.13 11.04
N SER B 68 8.93 2.50 9.94
CA SER B 68 8.76 1.06 9.96
C SER B 68 10.10 0.37 10.20
N LEU B 69 11.17 0.89 9.61
CA LEU B 69 12.51 0.35 9.85
C LEU B 69 12.87 0.45 11.33
N ALA B 70 12.61 1.59 11.94
CA ALA B 70 12.91 1.78 13.36
C ALA B 70 12.08 0.82 14.21
N ASN B 71 10.81 0.63 13.86
CA ASN B 71 9.98 -0.32 14.59
C ASN B 71 10.57 -1.72 14.49
N GLU B 72 10.99 -2.13 13.31
CA GLU B 72 11.55 -3.48 13.13
C GLU B 72 12.84 -3.65 13.93
N VAL B 73 13.75 -2.68 13.84
CA VAL B 73 15.05 -2.85 14.49
C VAL B 73 14.91 -2.77 16.00
N MET B 74 14.13 -1.83 16.51
CA MET B 74 13.98 -1.69 17.96
C MET B 74 13.05 -2.75 18.53
N GLY B 75 12.02 -3.14 17.80
CA GLY B 75 11.04 -4.07 18.31
C GLY B 75 9.94 -3.45 19.13
N TYR B 76 9.88 -2.13 19.23
CA TYR B 76 8.81 -1.47 19.96
C TYR B 76 8.68 -0.05 19.46
N TRP B 77 7.49 0.53 19.63
CA TRP B 77 7.24 1.89 19.18
C TRP B 77 7.96 2.89 20.08
N TYR B 78 8.47 3.95 19.46
CA TYR B 78 9.30 4.92 20.17
C TYR B 78 8.92 6.35 19.79
N PHE B 79 7.65 6.60 19.46
CA PHE B 79 7.26 7.89 18.93
C PHE B 79 5.99 8.48 19.52
N GLY B 80 5.20 7.73 20.29
CA GLY B 80 4.00 8.27 20.89
C GLY B 80 2.73 7.85 20.17
N LYS B 81 1.61 7.96 20.88
CA LYS B 81 0.34 7.50 20.34
C LYS B 81 -0.13 8.37 19.18
N ALA B 82 -0.04 9.69 19.32
CA ALA B 82 -0.49 10.59 18.26
C ALA B 82 0.32 10.37 16.99
N TRP B 83 1.64 10.25 17.12
CA TRP B 83 2.45 9.98 15.94
C TRP B 83 2.18 8.59 15.38
N CYS B 84 1.83 7.63 16.23
CA CYS B 84 1.44 6.31 15.74
C CYS B 84 0.18 6.40 14.86
N GLU B 85 -0.81 7.16 15.33
CA GLU B 85 -2.03 7.35 14.54
C GLU B 85 -1.73 8.06 13.22
N ILE B 86 -0.93 9.12 13.29
CA ILE B 86 -0.60 9.86 12.07
C ILE B 86 0.16 8.98 11.10
N TYR B 87 1.11 8.17 11.61
CA TYR B 87 1.88 7.28 10.76
C TYR B 87 1.01 6.24 10.09
N LEU B 88 0.09 5.62 10.83
CA LEU B 88 -0.84 4.67 10.22
C LEU B 88 -1.66 5.34 9.11
N ALA B 89 -2.27 6.49 9.43
CA ALA B 89 -3.14 7.14 8.47
C ALA B 89 -2.38 7.52 7.21
N LEU B 90 -1.19 8.11 7.37
CA LEU B 90 -0.44 8.59 6.22
C LEU B 90 0.19 7.43 5.43
N ASP B 91 0.58 6.36 6.12
CA ASP B 91 1.09 5.18 5.42
C ASP B 91 0.01 4.56 4.54
N VAL B 92 -1.22 4.46 5.04
CA VAL B 92 -2.31 4.00 4.19
C VAL B 92 -2.56 4.98 3.06
N LEU B 93 -2.51 6.28 3.38
CA LEU B 93 -2.83 7.30 2.39
C LEU B 93 -1.89 7.25 1.21
N PHE B 94 -0.61 6.99 1.44
CA PHE B 94 0.34 7.09 0.32
C PHE B 94 0.14 5.97 -0.70
N CYS B 95 0.00 4.72 -0.25
CA CYS B 95 -0.27 3.64 -1.18
C CYS B 95 -1.62 3.82 -1.86
N THR B 96 -2.64 4.24 -1.10
CA THR B 96 -3.94 4.49 -1.72
C THR B 96 -3.85 5.60 -2.76
N SER B 97 -3.08 6.64 -2.46
CA SER B 97 -2.92 7.75 -3.39
C SER B 97 -2.24 7.30 -4.66
N SER B 98 -1.21 6.47 -4.55
CA SER B 98 -0.53 5.97 -5.74
C SER B 98 -1.47 5.16 -6.62
N ILE B 99 -2.19 4.21 -6.02
CA ILE B 99 -3.05 3.35 -6.84
C ILE B 99 -4.20 4.14 -7.45
N VAL B 100 -4.82 5.04 -6.67
CA VAL B 100 -5.89 5.85 -7.23
C VAL B 100 -5.35 6.85 -8.26
N HIS B 101 -4.08 7.24 -8.17
CA HIS B 101 -3.49 8.05 -9.23
C HIS B 101 -3.37 7.27 -10.52
N LEU B 102 -2.95 6.01 -10.44
CA LEU B 102 -2.94 5.16 -11.62
C LEU B 102 -4.35 5.03 -12.20
N CYS B 103 -5.34 4.85 -11.33
CA CYS B 103 -6.72 4.75 -11.78
C CYS B 103 -7.17 6.05 -12.44
N ALA B 104 -6.78 7.20 -11.89
CA ALA B 104 -7.18 8.48 -12.44
C ALA B 104 -6.55 8.72 -13.81
N ILE B 105 -5.29 8.33 -13.98
CA ILE B 105 -4.65 8.47 -15.30
C ILE B 105 -5.37 7.58 -16.31
N SER B 106 -5.70 6.35 -15.92
CA SER B 106 -6.43 5.47 -16.84
C SER B 106 -7.80 6.05 -17.20
N LEU B 107 -8.50 6.60 -16.20
CA LEU B 107 -9.82 7.19 -16.46
C LEU B 107 -9.72 8.41 -17.36
N ASP B 108 -8.69 9.23 -17.16
CA ASP B 108 -8.50 10.38 -18.05
C ASP B 108 -8.22 9.94 -19.48
N ARG B 109 -7.41 8.90 -19.65
CA ARG B 109 -7.17 8.38 -20.99
C ARG B 109 -8.46 7.86 -21.62
N TYR B 110 -9.27 7.15 -20.83
CA TYR B 110 -10.55 6.65 -21.34
C TYR B 110 -11.48 7.79 -21.73
N TRP B 111 -11.53 8.84 -20.93
CA TRP B 111 -12.38 9.99 -21.25
C TRP B 111 -11.89 10.69 -22.52
N SER B 112 -10.57 10.87 -22.65
CA SER B 112 -10.04 11.54 -23.83
C SER B 112 -10.27 10.74 -25.09
N ILE B 113 -10.14 9.40 -25.01
CA ILE B 113 -10.31 8.58 -26.19
C ILE B 113 -11.75 8.59 -26.69
N THR B 114 -12.70 8.95 -25.84
CA THR B 114 -14.12 8.95 -26.21
C THR B 114 -14.67 10.36 -26.38
N GLN B 115 -13.86 11.40 -26.21
CA GLN B 115 -14.31 12.77 -26.34
C GLN B 115 -13.91 13.44 -27.64
N ALA B 116 -12.87 12.92 -28.31
CA ALA B 116 -12.38 13.56 -29.54
C ALA B 116 -13.43 13.59 -30.64
N ILE B 117 -14.48 12.76 -30.53
CA ILE B 117 -15.57 12.82 -31.50
C ILE B 117 -16.30 14.15 -31.40
N GLU B 118 -16.44 14.68 -30.19
CA GLU B 118 -17.15 15.93 -29.97
C GLU B 118 -16.21 17.14 -29.97
N TYR B 119 -14.95 16.95 -30.35
CA TYR B 119 -13.96 18.01 -30.48
C TYR B 119 -13.55 18.58 -29.12
N ASN B 120 -12.30 19.03 -29.00
CA ASN B 120 -11.78 19.57 -27.77
C ASN B 120 -10.67 20.55 -28.08
N LEU B 121 -10.63 21.65 -27.33
CA LEU B 121 -9.58 22.65 -27.49
C LEU B 121 -8.43 22.35 -26.53
N LYS B 122 -7.50 23.29 -26.39
CA LYS B 122 -6.30 23.08 -25.57
C LYS B 122 -6.53 23.70 -24.19
N ARG B 123 -7.44 23.08 -23.43
CA ARG B 123 -7.65 23.41 -22.03
C ARG B 123 -7.09 22.33 -21.12
N THR B 124 -6.16 21.53 -21.63
CA THR B 124 -5.66 20.38 -20.88
C THR B 124 -5.05 20.71 -19.52
N PRO B 125 -4.28 21.79 -19.33
CA PRO B 125 -3.72 22.02 -17.98
C PRO B 125 -4.76 22.13 -16.89
N ARG B 126 -5.90 22.77 -17.17
CA ARG B 126 -6.95 22.87 -16.17
C ARG B 126 -7.49 21.50 -15.80
N ARG B 127 -7.75 20.65 -16.79
CA ARG B 127 -8.24 19.30 -16.51
C ARG B 127 -7.21 18.50 -15.73
N ILE B 128 -5.94 18.60 -16.10
CA ILE B 128 -4.89 17.85 -15.41
C ILE B 128 -4.80 18.26 -13.95
N LYS B 129 -4.79 19.57 -13.69
CA LYS B 129 -4.71 20.04 -12.31
C LYS B 129 -5.96 19.69 -11.52
N ALA B 130 -7.12 19.72 -12.16
CA ALA B 130 -8.35 19.30 -11.49
C ALA B 130 -8.28 17.84 -11.08
N ILE B 131 -7.80 16.98 -11.97
CA ILE B 131 -7.62 15.57 -11.60
C ILE B 131 -6.59 15.44 -10.48
N ILE B 132 -5.51 16.21 -10.55
CA ILE B 132 -4.50 16.20 -9.49
C ILE B 132 -5.13 16.47 -8.13
N ILE B 133 -5.91 17.54 -8.03
CA ILE B 133 -6.51 17.87 -6.74
C ILE B 133 -7.53 16.81 -6.33
N THR B 134 -8.35 16.37 -7.28
CA THR B 134 -9.45 15.47 -6.97
C THR B 134 -8.94 14.13 -6.46
N VAL B 135 -7.88 13.60 -7.06
CA VAL B 135 -7.41 12.28 -6.67
C VAL B 135 -6.79 12.32 -5.27
N TRP B 136 -6.06 13.38 -4.93
CA TRP B 136 -5.57 13.53 -3.56
C TRP B 136 -6.72 13.63 -2.57
N VAL B 137 -7.76 14.41 -2.89
CA VAL B 137 -8.89 14.52 -1.98
C VAL B 137 -9.56 13.16 -1.79
N ILE B 138 -9.76 12.42 -2.89
CA ILE B 138 -10.39 11.10 -2.79
C ILE B 138 -9.54 10.15 -1.98
N SER B 139 -8.22 10.18 -2.18
CA SER B 139 -7.33 9.31 -1.42
C SER B 139 -7.39 9.62 0.07
N ALA B 140 -7.49 10.90 0.42
CA ALA B 140 -7.61 11.25 1.83
C ALA B 140 -8.95 10.80 2.41
N VAL B 141 -10.05 11.02 1.69
CA VAL B 141 -11.37 10.75 2.25
C VAL B 141 -11.77 9.28 2.15
N ILE B 142 -11.03 8.47 1.39
CA ILE B 142 -11.28 7.04 1.33
C ILE B 142 -10.43 6.26 2.33
N SER B 143 -9.50 6.93 3.01
CA SER B 143 -8.61 6.28 3.95
C SER B 143 -8.76 6.79 5.37
N PHE B 144 -8.88 8.10 5.58
CA PHE B 144 -9.00 8.62 6.94
C PHE B 144 -10.28 8.18 7.65
N PRO B 145 -11.47 8.27 7.07
CA PRO B 145 -12.70 7.95 7.82
C PRO B 145 -12.69 6.53 8.38
N PRO B 146 -12.24 5.51 7.64
CA PRO B 146 -12.14 4.18 8.26
C PRO B 146 -11.20 4.15 9.45
N LEU B 147 -10.12 4.91 9.41
CA LEU B 147 -9.17 4.90 10.52
C LEU B 147 -9.75 5.60 11.74
N ILE B 148 -10.35 6.77 11.56
CA ILE B 148 -10.89 7.50 12.70
C ILE B 148 -12.11 6.78 13.27
N SER B 149 -12.87 6.07 12.43
CA SER B 149 -14.00 5.30 12.93
C SER B 149 -13.54 4.20 13.87
N ILE B 150 -12.45 3.51 13.52
CA ILE B 150 -11.94 2.42 14.34
C ILE B 150 -10.81 2.92 15.24
N GLU B 163 4.12 -0.47 28.45
CA GLU B 163 5.16 -0.46 27.43
C GLU B 163 4.57 -0.07 26.08
N PRO B 164 5.15 0.95 25.44
CA PRO B 164 4.55 1.49 24.21
C PRO B 164 4.62 0.49 23.06
N ARG B 165 3.60 0.55 22.20
CA ARG B 165 3.57 -0.21 20.96
C ARG B 165 2.50 0.40 20.06
N CYS B 166 2.82 0.52 18.77
CA CYS B 166 1.92 1.13 17.81
C CYS B 166 1.00 0.06 17.24
N GLU B 167 -0.31 0.22 17.45
CA GLU B 167 -1.25 -0.86 17.27
C GLU B 167 -2.38 -0.39 16.34
N ILE B 168 -3.24 -1.34 15.99
CA ILE B 168 -4.49 -1.05 15.30
C ILE B 168 -5.60 -1.71 16.12
N ASN B 169 -6.45 -0.89 16.73
CA ASN B 169 -7.55 -1.41 17.51
C ASN B 169 -8.63 -1.93 16.57
N ASP B 170 -8.42 -3.12 16.03
CA ASP B 170 -9.21 -3.64 14.93
C ASP B 170 -10.23 -4.65 15.43
N GLN B 171 -11.41 -4.61 14.80
CA GLN B 171 -12.43 -5.65 14.96
C GLN B 171 -12.52 -6.53 13.71
N LYS B 172 -11.43 -6.61 12.95
CA LYS B 172 -11.32 -7.38 11.70
C LYS B 172 -12.16 -6.78 10.58
N TRP B 173 -12.65 -5.55 10.75
CA TRP B 173 -13.36 -4.84 9.70
C TRP B 173 -12.49 -3.83 8.97
N TYR B 174 -11.50 -3.26 9.65
CA TYR B 174 -10.65 -2.26 9.00
C TYR B 174 -9.78 -2.88 7.93
N VAL B 175 -9.36 -4.14 8.12
CA VAL B 175 -8.52 -4.80 7.12
C VAL B 175 -9.27 -4.94 5.81
N ILE B 176 -10.51 -5.44 5.87
CA ILE B 176 -11.30 -5.65 4.65
C ILE B 176 -11.58 -4.32 3.98
N SER B 177 -11.99 -3.31 4.74
CA SER B 177 -12.30 -2.01 4.16
C SER B 177 -11.07 -1.40 3.52
N SER B 178 -9.92 -1.48 4.21
CA SER B 178 -8.69 -0.89 3.68
C SER B 178 -8.25 -1.58 2.40
N CYS B 179 -8.26 -2.92 2.37
CA CYS B 179 -7.82 -3.62 1.17
C CYS B 179 -8.79 -3.40 0.02
N ILE B 180 -10.10 -3.35 0.30
CA ILE B 180 -11.08 -3.13 -0.77
C ILE B 180 -10.93 -1.73 -1.33
N GLY B 181 -10.88 -0.71 -0.47
CA GLY B 181 -10.79 0.66 -0.93
C GLY B 181 -9.41 1.11 -1.32
N SER B 182 -8.40 0.26 -1.19
CA SER B 182 -7.05 0.63 -1.58
C SER B 182 -6.53 -0.20 -2.75
N PHE B 183 -6.81 -1.50 -2.80
CA PHE B 183 -6.24 -2.34 -3.84
C PHE B 183 -7.31 -2.91 -4.77
N PHE B 184 -8.30 -3.61 -4.25
CA PHE B 184 -9.17 -4.41 -5.11
C PHE B 184 -10.07 -3.54 -5.96
N ALA B 185 -10.72 -2.54 -5.37
CA ALA B 185 -11.64 -1.69 -6.14
C ALA B 185 -10.93 -0.91 -7.23
N PRO B 186 -9.83 -0.20 -6.98
CA PRO B 186 -9.14 0.45 -8.11
C PRO B 186 -8.62 -0.53 -9.14
N CYS B 187 -8.22 -1.74 -8.72
CA CYS B 187 -7.79 -2.73 -9.70
C CYS B 187 -8.93 -3.13 -10.63
N LEU B 188 -10.12 -3.36 -10.07
CA LEU B 188 -11.27 -3.69 -10.91
C LEU B 188 -11.63 -2.52 -11.81
N ILE B 189 -11.58 -1.30 -11.28
CA ILE B 189 -11.90 -0.12 -12.09
C ILE B 189 -10.94 -0.01 -13.26
N MET B 190 -9.65 -0.20 -13.02
CA MET B 190 -8.66 -0.07 -14.09
C MET B 190 -8.78 -1.21 -15.09
N ILE B 191 -9.11 -2.42 -14.62
CA ILE B 191 -9.34 -3.53 -15.54
C ILE B 191 -10.49 -3.20 -16.48
N LEU B 192 -11.60 -2.70 -15.92
CA LEU B 192 -12.74 -2.33 -16.75
C LEU B 192 -12.37 -1.21 -17.72
N VAL B 193 -11.65 -0.20 -17.24
CA VAL B 193 -11.29 0.93 -18.09
C VAL B 193 -10.42 0.48 -19.25
N TYR B 194 -9.43 -0.37 -18.99
CA TYR B 194 -8.53 -0.78 -20.06
C TYR B 194 -9.20 -1.79 -20.99
N VAL B 195 -10.14 -2.59 -20.49
CA VAL B 195 -10.92 -3.43 -21.39
C VAL B 195 -11.75 -2.57 -22.34
N ARG B 196 -12.37 -1.51 -21.81
CA ARG B 196 -13.13 -0.61 -22.67
C ARG B 196 -12.23 0.07 -23.69
N ILE B 197 -11.04 0.51 -23.27
CA ILE B 197 -10.11 1.16 -24.18
C ILE B 197 -9.67 0.19 -25.27
N TYR B 198 -9.38 -1.06 -24.91
CA TYR B 198 -8.99 -2.05 -25.89
C TYR B 198 -10.11 -2.33 -26.88
N GLN B 199 -11.35 -2.43 -26.40
CA GLN B 199 -12.47 -2.64 -27.32
C GLN B 199 -12.63 -1.46 -28.27
N ILE B 200 -12.51 -0.24 -27.74
CA ILE B 200 -12.65 0.95 -28.59
C ILE B 200 -11.56 0.98 -29.65
N ALA B 201 -10.32 0.70 -29.25
CA ALA B 201 -9.22 0.69 -30.22
C ALA B 201 -9.40 -0.40 -31.26
N LYS B 202 -9.89 -1.58 -30.85
CA LYS B 202 -10.13 -2.66 -31.79
C LYS B 202 -11.21 -2.28 -32.79
N ARG B 203 -12.27 -1.60 -32.33
CA ARG B 203 -13.31 -1.17 -33.25
C ARG B 203 -12.78 -0.16 -34.26
N ARG B 204 -11.94 0.77 -33.80
CA ARG B 204 -11.35 1.77 -34.69
C ARG B 204 -10.07 1.26 -35.33
N GLY B 306 4.86 3.03 -40.91
CA GLY B 306 4.35 3.06 -39.55
C GLY B 306 5.41 3.35 -38.51
N ARG B 307 5.04 4.09 -37.47
CA ARG B 307 5.97 4.46 -36.41
C ARG B 307 5.17 4.75 -35.15
N GLN B 308 5.88 4.75 -34.02
CA GLN B 308 5.27 4.98 -32.72
C GLN B 308 5.22 6.48 -32.41
N ASN B 309 4.19 6.86 -31.66
CA ASN B 309 3.96 8.26 -31.29
C ASN B 309 4.31 8.49 -29.82
N ARG B 310 4.26 9.75 -29.41
CA ARG B 310 4.48 10.09 -28.01
C ARG B 310 3.39 9.49 -27.13
N GLU B 311 2.14 9.55 -27.57
CA GLU B 311 1.04 9.01 -26.78
C GLU B 311 1.15 7.50 -26.64
N LYS B 312 1.57 6.81 -27.71
CA LYS B 312 1.75 5.37 -27.61
C LYS B 312 2.85 5.01 -26.61
N ARG B 313 3.96 5.74 -26.65
CA ARG B 313 5.04 5.49 -25.69
C ARG B 313 4.58 5.76 -24.27
N PHE B 314 3.85 6.85 -24.05
CA PHE B 314 3.36 7.17 -22.71
C PHE B 314 2.41 6.10 -22.21
N THR B 315 1.49 5.64 -23.07
CA THR B 315 0.55 4.60 -22.67
C THR B 315 1.27 3.29 -22.35
N PHE B 316 2.27 2.93 -23.15
CA PHE B 316 3.01 1.70 -22.87
C PHE B 316 3.77 1.80 -21.55
N VAL B 317 4.42 2.93 -21.31
CA VAL B 317 5.16 3.12 -20.06
C VAL B 317 4.20 3.06 -18.88
N LEU B 318 3.04 3.71 -19.00
CA LEU B 318 2.06 3.67 -17.93
C LEU B 318 1.55 2.26 -17.69
N ALA B 319 1.31 1.49 -18.76
CA ALA B 319 0.84 0.12 -18.59
C ALA B 319 1.88 -0.75 -17.89
N VAL B 320 3.16 -0.56 -18.24
CA VAL B 320 4.21 -1.30 -17.55
C VAL B 320 4.25 -0.90 -16.08
N VAL B 321 4.05 0.38 -15.79
CA VAL B 321 4.01 0.84 -14.41
C VAL B 321 2.85 0.19 -13.66
N ILE B 322 1.69 0.08 -14.30
CA ILE B 322 0.54 -0.57 -13.67
C ILE B 322 0.87 -2.02 -13.37
N GLY B 323 1.48 -2.71 -14.33
CA GLY B 323 1.85 -4.10 -14.10
C GLY B 323 2.81 -4.25 -12.94
N VAL B 324 3.82 -3.38 -12.88
CA VAL B 324 4.79 -3.43 -11.80
C VAL B 324 4.13 -3.18 -10.45
N PHE B 325 3.26 -2.17 -10.38
CA PHE B 325 2.56 -1.87 -9.13
C PHE B 325 1.70 -3.04 -8.70
N VAL B 326 0.96 -3.64 -9.63
CA VAL B 326 0.09 -4.76 -9.28
C VAL B 326 0.92 -5.94 -8.77
N VAL B 327 1.94 -6.34 -9.52
CA VAL B 327 2.72 -7.50 -9.12
C VAL B 327 3.48 -7.24 -7.84
N CYS B 328 3.77 -5.98 -7.52
CA CYS B 328 4.49 -5.69 -6.28
C CYS B 328 3.56 -5.70 -5.08
N TRP B 329 2.46 -4.94 -5.13
CA TRP B 329 1.60 -4.79 -3.97
C TRP B 329 0.59 -5.92 -3.82
N PHE B 330 0.44 -6.79 -4.82
CA PHE B 330 -0.57 -7.85 -4.74
C PHE B 330 -0.31 -8.84 -3.62
N PRO B 331 0.89 -9.39 -3.42
CA PRO B 331 1.06 -10.39 -2.35
C PRO B 331 0.70 -9.87 -0.97
N PHE B 332 1.09 -8.64 -0.65
CA PHE B 332 0.84 -8.13 0.70
C PHE B 332 -0.66 -7.96 0.95
N PHE B 333 -1.36 -7.31 0.02
CA PHE B 333 -2.79 -7.14 0.22
C PHE B 333 -3.52 -8.47 0.18
N PHE B 334 -3.05 -9.42 -0.63
CA PHE B 334 -3.67 -10.73 -0.68
C PHE B 334 -3.56 -11.44 0.67
N THR B 335 -2.35 -11.49 1.24
CA THR B 335 -2.21 -12.15 2.54
C THR B 335 -2.84 -11.33 3.67
N TYR B 336 -2.99 -10.01 3.48
CA TYR B 336 -3.72 -9.21 4.46
C TYR B 336 -5.20 -9.58 4.47
N THR B 337 -5.79 -9.72 3.29
CA THR B 337 -7.16 -10.24 3.21
C THR B 337 -7.23 -11.64 3.81
N LEU B 338 -6.21 -12.46 3.59
CA LEU B 338 -6.20 -13.80 4.15
C LEU B 338 -6.20 -13.76 5.68
N THR B 339 -5.40 -12.87 6.26
CA THR B 339 -5.40 -12.72 7.72
C THR B 339 -6.76 -12.23 8.21
N ALA B 340 -7.42 -11.38 7.43
CA ALA B 340 -8.77 -10.97 7.77
C ALA B 340 -9.73 -12.16 7.76
N VAL B 341 -9.59 -13.04 6.76
CA VAL B 341 -10.47 -14.20 6.65
C VAL B 341 -10.22 -15.16 7.80
N GLY B 342 -8.96 -15.35 8.19
CA GLY B 342 -8.67 -16.23 9.30
C GLY B 342 -7.56 -17.22 9.07
N CYS B 343 -6.76 -17.01 8.02
CA CYS B 343 -5.62 -17.86 7.72
C CYS B 343 -4.35 -17.22 8.26
N SER B 344 -3.57 -17.98 9.02
CA SER B 344 -2.31 -17.48 9.54
C SER B 344 -1.28 -17.34 8.42
N VAL B 345 -0.31 -16.47 8.64
CA VAL B 345 0.70 -16.17 7.62
C VAL B 345 2.09 -16.31 8.23
N PRO B 346 3.05 -16.91 7.51
CA PRO B 346 4.44 -16.87 7.98
C PRO B 346 4.92 -15.43 8.15
N ARG B 347 5.61 -15.19 9.25
CA ARG B 347 5.92 -13.82 9.66
C ARG B 347 6.99 -13.20 8.76
N THR B 348 8.07 -13.95 8.49
CA THR B 348 9.15 -13.40 7.68
C THR B 348 8.70 -13.15 6.24
N LEU B 349 7.96 -14.09 5.67
CA LEU B 349 7.42 -13.88 4.33
C LEU B 349 6.49 -12.67 4.30
N PHE B 350 5.66 -12.53 5.33
CA PHE B 350 4.72 -11.41 5.38
C PHE B 350 5.45 -10.08 5.49
N LYS B 351 6.52 -10.03 6.28
CA LYS B 351 7.30 -8.80 6.38
C LYS B 351 8.01 -8.48 5.06
N PHE B 352 8.53 -9.51 4.38
CA PHE B 352 9.13 -9.27 3.07
C PHE B 352 8.10 -8.73 2.09
N PHE B 353 6.89 -9.28 2.10
CA PHE B 353 5.83 -8.79 1.23
C PHE B 353 5.47 -7.35 1.58
N PHE B 354 5.45 -7.03 2.88
CA PHE B 354 5.15 -5.68 3.32
C PHE B 354 6.19 -4.69 2.81
N TRP B 355 7.47 -5.07 2.85
CA TRP B 355 8.53 -4.19 2.38
C TRP B 355 8.69 -4.18 0.86
N PHE B 356 8.11 -5.15 0.16
CA PHE B 356 8.30 -5.22 -1.28
C PHE B 356 7.54 -4.10 -1.99
N GLY B 357 6.48 -3.59 -1.36
CA GLY B 357 5.84 -2.39 -1.90
C GLY B 357 6.72 -1.16 -1.80
N TYR B 358 7.40 -0.99 -0.67
CA TYR B 358 8.38 0.08 -0.57
C TYR B 358 9.50 -0.11 -1.59
N CYS B 359 9.82 -1.36 -1.91
CA CYS B 359 10.75 -1.62 -3.00
C CYS B 359 10.19 -1.15 -4.35
N ASN B 360 8.90 -1.42 -4.58
CA ASN B 360 8.22 -0.91 -5.77
C ASN B 360 8.38 0.61 -5.90
N SER B 361 8.26 1.30 -4.77
CA SER B 361 8.43 2.75 -4.75
C SER B 361 9.73 3.15 -5.45
N SER B 362 10.82 2.44 -5.14
CA SER B 362 12.09 2.70 -5.80
C SER B 362 12.11 2.18 -7.25
N LEU B 363 11.43 1.08 -7.52
CA LEU B 363 11.49 0.47 -8.84
C LEU B 363 10.86 1.35 -9.91
N ASN B 364 9.85 2.14 -9.55
CA ASN B 364 9.11 2.90 -10.56
C ASN B 364 9.98 3.83 -11.42
N PRO B 365 10.85 4.67 -10.87
CA PRO B 365 11.69 5.51 -11.75
C PRO B 365 12.58 4.73 -12.70
N VAL B 366 12.99 3.52 -12.31
CA VAL B 366 13.73 2.66 -13.23
C VAL B 366 12.86 2.30 -14.42
N ILE B 367 11.58 2.01 -14.17
CA ILE B 367 10.65 1.74 -15.27
C ILE B 367 10.54 2.96 -16.17
N TYR B 368 10.51 4.16 -15.59
CA TYR B 368 10.50 5.36 -16.43
C TYR B 368 11.77 5.46 -17.28
N THR B 369 12.93 5.23 -16.68
CA THR B 369 14.18 5.49 -17.37
C THR B 369 14.58 4.39 -18.35
N ILE B 370 13.97 3.22 -18.26
CA ILE B 370 14.34 2.12 -19.16
C ILE B 370 13.54 2.15 -20.45
N PHE B 371 12.22 2.36 -20.35
CA PHE B 371 11.32 2.17 -21.47
C PHE B 371 10.92 3.48 -22.15
N ASN B 372 11.62 4.58 -21.87
CA ASN B 372 11.30 5.83 -22.54
C ASN B 372 12.61 6.59 -22.68
N HIS B 373 13.01 6.88 -23.93
CA HIS B 373 14.38 7.33 -24.19
C HIS B 373 14.61 8.77 -23.74
N ASP B 374 13.64 9.66 -23.96
CA ASP B 374 13.90 11.08 -23.67
C ASP B 374 14.04 11.30 -22.16
N PHE B 375 13.34 10.50 -21.36
CA PHE B 375 13.59 10.52 -19.92
C PHE B 375 15.03 10.14 -19.60
N ARG B 376 15.56 9.13 -20.31
CA ARG B 376 16.95 8.75 -20.11
C ARG B 376 17.90 9.89 -20.50
N ARG B 377 17.62 10.57 -21.61
CA ARG B 377 18.45 11.68 -22.03
C ARG B 377 18.40 12.81 -21.00
N ALA B 378 17.22 13.11 -20.48
CA ALA B 378 17.11 14.14 -19.45
C ALA B 378 17.85 13.74 -18.18
N PHE B 379 17.79 12.46 -17.81
CA PHE B 379 18.52 11.99 -16.64
C PHE B 379 20.02 12.14 -16.83
N LYS B 380 20.51 11.83 -18.04
CA LYS B 380 21.92 12.02 -18.33
C LYS B 380 22.31 13.48 -18.22
N LYS B 381 21.47 14.38 -18.71
CA LYS B 381 21.72 15.81 -18.60
C LYS B 381 21.45 16.29 -17.18
#